data_7OM5
#
_entry.id   7OM5
#
_cell.length_a   38.539
_cell.length_b   71.576
_cell.length_c   53.204
_cell.angle_alpha   90.000
_cell.angle_beta   91.480
_cell.angle_gamma   90.000
#
_symmetry.space_group_name_H-M   'P 1 21 1'
#
loop_
_entity.id
_entity.type
_entity.pdbx_description
1 polymer 'Nanobody EgB4'
2 non-polymer GLYCEROL
3 non-polymer 'ZINC ION'
4 water water
#
_entity_poly.entity_id   1
_entity_poly.type   'polypeptide(L)'
_entity_poly.pdbx_seq_one_letter_code
;QVQLQESGGGSVQAGGSLKLSCAASGRSFSTYAMGWFRQAPGQDREFVATISWTDSTDYADSVKGRFTISRDNAKNTGYL
QMNSLKPEDTAVYYCAADRWASSRRNVDYDYWGQGTQVTVSSHGSGLVPR
;
_entity_poly.pdbx_strand_id   A,B
#
loop_
_chem_comp.id
_chem_comp.type
_chem_comp.name
_chem_comp.formula
GOL non-polymer GLYCEROL 'C3 H8 O3'
ZN non-polymer 'ZINC ION' 'Zn 2'
#
# COMPACT_ATOMS: atom_id res chain seq x y z
N GLN A 1 3.47 -13.28 -26.83
CA GLN A 1 4.67 -12.62 -26.25
C GLN A 1 4.26 -11.27 -25.64
N VAL A 2 4.62 -11.04 -24.38
CA VAL A 2 4.28 -9.77 -23.68
C VAL A 2 5.58 -9.17 -23.15
N GLN A 3 5.59 -7.84 -23.01
CA GLN A 3 6.65 -7.09 -22.29
C GLN A 3 6.03 -6.61 -20.98
N LEU A 4 6.74 -6.83 -19.88
CA LEU A 4 6.22 -6.50 -18.53
C LEU A 4 7.04 -5.40 -17.90
N GLN A 5 6.40 -4.57 -17.12
CA GLN A 5 7.11 -3.54 -16.31
C GLN A 5 6.41 -3.42 -14.96
N GLU A 6 7.19 -3.61 -13.90
CA GLU A 6 6.70 -3.51 -12.51
C GLU A 6 6.79 -2.05 -12.10
N SER A 7 5.93 -1.65 -11.21
CA SER A 7 6.00 -0.33 -10.56
C SER A 7 5.38 -0.44 -9.17
N GLY A 8 5.66 0.55 -8.34
CA GLY A 8 5.00 0.71 -7.05
C GLY A 8 5.88 0.32 -5.90
N GLY A 9 7.13 0.02 -6.14
CA GLY A 9 8.01 -0.35 -5.04
C GLY A 9 8.42 0.86 -4.22
N GLY A 10 9.14 0.58 -3.18
CA GLY A 10 9.62 1.64 -2.29
C GLY A 10 10.10 1.09 -0.98
N SER A 11 10.33 2.01 -0.07
CA SER A 11 10.78 1.66 1.29
CA SER A 11 10.80 1.70 1.30
C SER A 11 9.62 2.02 2.22
N VAL A 12 9.32 1.16 3.18
CA VAL A 12 8.11 1.35 3.99
C VAL A 12 8.40 0.85 5.40
N GLN A 13 7.69 1.43 6.38
CA GLN A 13 7.78 0.98 7.76
C GLN A 13 7.19 -0.42 7.87
N ALA A 14 7.85 -1.24 8.66
CA ALA A 14 7.33 -2.55 9.08
C ALA A 14 5.86 -2.39 9.53
N GLY A 15 4.98 -3.27 9.07
CA GLY A 15 3.54 -3.24 9.37
C GLY A 15 2.76 -2.47 8.33
N GLY A 16 3.43 -1.69 7.51
CA GLY A 16 2.80 -0.91 6.43
C GLY A 16 2.35 -1.75 5.26
N SER A 17 1.94 -1.07 4.22
CA SER A 17 1.35 -1.67 3.00
C SER A 17 1.97 -1.01 1.77
N LEU A 18 2.00 -1.77 0.69
CA LEU A 18 2.35 -1.29 -0.66
C LEU A 18 1.37 -1.93 -1.64
N LYS A 19 1.36 -1.46 -2.87
CA LYS A 19 0.68 -2.17 -3.97
C LYS A 19 1.58 -2.09 -5.19
N LEU A 20 2.04 -3.24 -5.67
CA LEU A 20 2.85 -3.31 -6.89
C LEU A 20 1.92 -3.55 -8.08
N SER A 21 2.29 -2.93 -9.20
CA SER A 21 1.59 -3.16 -10.47
CA SER A 21 1.61 -3.06 -10.50
C SER A 21 2.56 -3.72 -11.49
N CYS A 22 2.00 -4.48 -12.39
CA CYS A 22 2.73 -5.03 -13.55
CA CYS A 22 2.69 -5.13 -13.53
C CYS A 22 1.95 -4.71 -14.81
N ALA A 23 2.49 -3.79 -15.58
CA ALA A 23 1.81 -3.39 -16.85
C ALA A 23 2.37 -4.26 -17.98
N ALA A 24 1.48 -4.84 -18.76
CA ALA A 24 1.86 -5.69 -19.89
C ALA A 24 1.58 -4.95 -21.21
N SER A 25 2.53 -5.05 -22.12
CA SER A 25 2.45 -4.62 -23.54
C SER A 25 2.45 -5.89 -24.40
N GLY A 26 1.48 -6.05 -25.29
CA GLY A 26 1.44 -7.18 -26.21
C GLY A 26 0.04 -7.70 -26.31
N ARG A 27 -0.15 -8.70 -27.15
CA ARG A 27 -1.49 -9.21 -27.52
C ARG A 27 -1.93 -10.24 -26.49
N SER A 28 -3.23 -10.25 -26.19
CA SER A 28 -3.92 -11.38 -25.51
C SER A 28 -3.48 -11.47 -24.05
N PHE A 29 -3.28 -10.35 -23.37
CA PHE A 29 -2.90 -10.33 -21.92
C PHE A 29 -3.82 -11.25 -21.08
N SER A 30 -5.12 -11.23 -21.38
CA SER A 30 -6.10 -11.98 -20.57
C SER A 30 -5.85 -13.49 -20.66
N THR A 31 -5.06 -13.98 -21.63
CA THR A 31 -4.79 -15.42 -21.81
C THR A 31 -3.56 -15.85 -21.02
N TYR A 32 -2.88 -14.89 -20.36
CA TYR A 32 -1.63 -15.21 -19.62
C TYR A 32 -1.93 -15.37 -18.13
N ALA A 33 -1.30 -16.36 -17.52
CA ALA A 33 -1.06 -16.40 -16.06
C ALA A 33 -0.06 -15.30 -15.73
N MET A 34 -0.24 -14.68 -14.57
CA MET A 34 0.74 -13.70 -14.07
C MET A 34 1.23 -14.17 -12.72
N GLY A 35 2.53 -14.21 -12.55
CA GLY A 35 3.15 -14.58 -11.27
C GLY A 35 3.94 -13.41 -10.70
N TRP A 36 4.05 -13.40 -9.38
CA TRP A 36 5.03 -12.53 -8.70
C TRP A 36 6.05 -13.44 -8.03
N PHE A 37 7.29 -13.08 -8.21
CA PHE A 37 8.47 -13.76 -7.62
C PHE A 37 9.31 -12.69 -6.92
N ARG A 38 10.11 -13.06 -5.93
CA ARG A 38 10.95 -12.05 -5.28
C ARG A 38 12.33 -12.62 -5.05
N GLN A 39 13.34 -11.78 -5.10
CA GLN A 39 14.73 -12.20 -4.84
C GLN A 39 15.35 -11.27 -3.81
N ALA A 40 15.56 -11.85 -2.65
CA ALA A 40 16.26 -11.20 -1.53
C ALA A 40 17.76 -11.39 -1.76
N PRO A 41 18.62 -10.59 -1.10
CA PRO A 41 20.06 -10.66 -1.33
C PRO A 41 20.56 -12.05 -0.89
N GLY A 42 21.43 -12.64 -1.71
CA GLY A 42 21.97 -14.01 -1.52
C GLY A 42 20.94 -15.12 -1.67
N GLN A 43 19.80 -14.86 -2.29
CA GLN A 43 18.70 -15.86 -2.45
C GLN A 43 18.35 -16.03 -3.92
N ASP A 44 17.69 -17.12 -4.27
CA ASP A 44 17.18 -17.28 -5.65
C ASP A 44 15.82 -16.57 -5.70
N ARG A 45 15.34 -16.37 -6.91
CA ARG A 45 14.04 -15.79 -7.26
C ARG A 45 12.93 -16.77 -6.82
N GLU A 46 12.21 -16.46 -5.75
CA GLU A 46 11.26 -17.38 -5.13
C GLU A 46 9.83 -16.96 -5.46
N PHE A 47 8.96 -17.95 -5.59
CA PHE A 47 7.52 -17.75 -5.79
C PHE A 47 6.90 -16.95 -4.64
N VAL A 48 6.05 -15.99 -4.98
CA VAL A 48 5.23 -15.24 -4.03
C VAL A 48 3.76 -15.56 -4.29
N ALA A 49 3.27 -15.34 -5.51
CA ALA A 49 1.82 -15.53 -5.78
C ALA A 49 1.64 -15.66 -7.29
N THR A 50 0.56 -16.33 -7.71
CA THR A 50 0.19 -16.35 -9.14
CA THR A 50 0.19 -16.46 -9.13
C THR A 50 -1.32 -16.26 -9.29
N ILE A 51 -1.72 -15.79 -10.45
CA ILE A 51 -3.14 -15.73 -10.84
C ILE A 51 -3.22 -16.27 -12.26
N SER A 52 -4.06 -17.31 -12.45
CA SER A 52 -4.21 -17.93 -13.78
C SER A 52 -5.09 -17.04 -14.65
N TRP A 53 -5.21 -17.43 -15.91
CA TRP A 53 -6.08 -16.72 -16.84
C TRP A 53 -7.55 -16.92 -16.41
N THR A 54 -7.86 -17.90 -15.56
CA THR A 54 -9.25 -18.06 -15.02
C THR A 54 -9.39 -17.46 -13.61
N ASP A 55 -8.44 -16.61 -13.20
CA ASP A 55 -8.49 -15.88 -11.90
C ASP A 55 -8.23 -16.80 -10.70
N SER A 56 -7.73 -18.01 -10.91
CA SER A 56 -7.35 -18.97 -9.84
C SER A 56 -6.04 -18.53 -9.19
N THR A 57 -5.95 -18.50 -7.87
CA THR A 57 -4.76 -17.92 -7.19
C THR A 57 -3.99 -18.97 -6.42
N ASP A 58 -2.73 -18.61 -6.13
CA ASP A 58 -1.76 -19.45 -5.40
C ASP A 58 -0.80 -18.52 -4.67
N TYR A 59 -0.61 -18.75 -3.37
CA TYR A 59 0.25 -17.90 -2.52
C TYR A 59 1.28 -18.76 -1.82
N ALA A 60 2.49 -18.23 -1.65
CA ALA A 60 3.49 -18.82 -0.75
C ALA A 60 2.91 -18.81 0.66
N ASP A 61 3.20 -19.84 1.47
CA ASP A 61 2.77 -19.86 2.89
C ASP A 61 3.19 -18.60 3.64
N SER A 62 4.34 -18.00 3.34
CA SER A 62 4.88 -16.83 4.10
CA SER A 62 4.86 -16.83 4.11
C SER A 62 4.04 -15.56 3.86
N VAL A 63 3.20 -15.53 2.84
CA VAL A 63 2.47 -14.27 2.50
C VAL A 63 0.94 -14.45 2.56
N LYS A 64 0.49 -15.69 2.78
CA LYS A 64 -0.95 -16.01 2.83
C LYS A 64 -1.60 -15.16 3.93
N GLY A 65 -2.70 -14.49 3.61
CA GLY A 65 -3.44 -13.62 4.55
C GLY A 65 -2.89 -12.21 4.60
N ARG A 66 -1.73 -11.93 4.02
CA ARG A 66 -1.13 -10.57 3.99
C ARG A 66 -1.14 -10.02 2.57
N PHE A 67 -0.86 -10.86 1.59
CA PHE A 67 -0.77 -10.37 0.19
C PHE A 67 -2.00 -10.83 -0.59
N THR A 68 -2.36 -10.03 -1.60
CA THR A 68 -3.50 -10.33 -2.50
C THR A 68 -3.08 -10.06 -3.92
N ILE A 69 -3.17 -11.07 -4.79
CA ILE A 69 -2.84 -10.89 -6.21
C ILE A 69 -4.12 -10.67 -6.98
N SER A 70 -4.07 -9.82 -7.98
CA SER A 70 -5.30 -9.53 -8.77
C SER A 70 -4.88 -9.09 -10.16
N ARG A 71 -5.87 -8.93 -11.05
CA ARG A 71 -5.58 -8.50 -12.42
C ARG A 71 -6.77 -7.69 -12.93
N ASP A 72 -6.48 -6.76 -13.83
CA ASP A 72 -7.46 -5.92 -14.55
C ASP A 72 -7.16 -6.09 -16.04
N ASN A 73 -7.84 -7.03 -16.69
CA ASN A 73 -7.59 -7.44 -18.09
C ASN A 73 -7.83 -6.26 -19.02
N ALA A 74 -8.80 -5.41 -18.69
CA ALA A 74 -9.13 -4.19 -19.49
C ALA A 74 -7.94 -3.23 -19.49
N LYS A 75 -7.14 -3.20 -18.42
CA LYS A 75 -5.98 -2.28 -18.29
C LYS A 75 -4.68 -3.05 -18.56
N ASN A 76 -4.76 -4.34 -18.93
CA ASN A 76 -3.56 -5.14 -19.20
C ASN A 76 -2.57 -5.00 -18.04
N THR A 77 -3.07 -5.07 -16.80
CA THR A 77 -2.29 -4.83 -15.57
CA THR A 77 -2.26 -4.84 -15.58
C THR A 77 -2.58 -5.93 -14.55
N GLY A 78 -1.57 -6.37 -13.86
CA GLY A 78 -1.73 -7.19 -12.66
C GLY A 78 -1.26 -6.42 -11.44
N TYR A 79 -1.65 -6.90 -10.28
CA TYR A 79 -1.34 -6.18 -9.03
C TYR A 79 -0.94 -7.18 -7.95
N LEU A 80 -0.13 -6.70 -7.01
CA LEU A 80 0.15 -7.42 -5.76
C LEU A 80 -0.05 -6.43 -4.60
N GLN A 81 -1.13 -6.59 -3.87
CA GLN A 81 -1.40 -5.73 -2.69
C GLN A 81 -0.65 -6.40 -1.56
N MET A 82 0.15 -5.65 -0.83
CA MET A 82 0.99 -6.23 0.25
CA MET A 82 1.01 -6.21 0.24
C MET A 82 0.66 -5.51 1.56
N ASN A 83 0.07 -6.21 2.51
CA ASN A 83 -0.24 -5.61 3.83
C ASN A 83 0.66 -6.21 4.92
N SER A 84 0.74 -5.55 6.08
CA SER A 84 1.48 -6.07 7.26
C SER A 84 2.90 -6.46 6.88
N LEU A 85 3.60 -5.57 6.20
CA LEU A 85 4.93 -5.87 5.65
C LEU A 85 5.93 -6.12 6.77
N LYS A 86 6.89 -6.97 6.44
CA LYS A 86 7.88 -7.48 7.38
C LYS A 86 9.26 -7.38 6.75
N PRO A 87 10.33 -7.37 7.57
CA PRO A 87 11.69 -7.35 7.03
C PRO A 87 11.98 -8.54 6.12
N GLU A 88 11.31 -9.68 6.38
CA GLU A 88 11.37 -10.90 5.57
C GLU A 88 10.90 -10.63 4.14
N ASP A 89 10.16 -9.54 3.93
CA ASP A 89 9.58 -9.19 2.60
C ASP A 89 10.51 -8.31 1.78
N THR A 90 11.59 -7.79 2.33
CA THR A 90 12.55 -6.98 1.56
C THR A 90 13.11 -7.84 0.42
N ALA A 91 13.03 -7.36 -0.79
CA ALA A 91 13.47 -8.13 -1.98
C ALA A 91 13.26 -7.25 -3.21
N VAL A 92 13.86 -7.65 -4.32
CA VAL A 92 13.42 -7.17 -5.66
C VAL A 92 12.22 -8.06 -6.05
N TYR A 93 11.09 -7.47 -6.38
CA TYR A 93 9.87 -8.19 -6.79
C TYR A 93 9.76 -8.13 -8.30
N TYR A 94 9.56 -9.29 -8.88
CA TYR A 94 9.49 -9.45 -10.33
C TYR A 94 8.11 -9.94 -10.69
N CYS A 95 7.55 -9.40 -11.74
CA CYS A 95 6.33 -10.00 -12.33
CA CYS A 95 6.33 -9.90 -12.41
C CYS A 95 6.75 -10.84 -13.55
N ALA A 96 6.02 -11.90 -13.75
CA ALA A 96 6.29 -12.87 -14.82
C ALA A 96 4.95 -13.28 -15.43
N ALA A 97 4.97 -13.75 -16.67
CA ALA A 97 3.74 -14.10 -17.37
C ALA A 97 4.00 -15.29 -18.29
N ASP A 98 2.98 -16.12 -18.45
CA ASP A 98 3.06 -17.26 -19.38
C ASP A 98 1.64 -17.68 -19.69
N ARG A 99 1.41 -18.09 -20.94
CA ARG A 99 0.10 -18.67 -21.30
C ARG A 99 0.05 -20.15 -20.93
N TRP A 100 1.17 -20.81 -20.63
CA TRP A 100 1.19 -22.29 -20.55
CA TRP A 100 1.20 -22.30 -20.54
C TRP A 100 1.71 -22.79 -19.20
N ALA A 101 1.76 -21.91 -18.19
N ALA A 101 1.60 -21.97 -18.16
CA ALA A 101 2.29 -22.18 -16.83
CA ALA A 101 1.94 -22.39 -16.79
C ALA A 101 1.13 -22.34 -15.84
C ALA A 101 1.21 -21.44 -15.85
N SER A 102 1.21 -23.38 -14.99
N SER A 102 0.73 -21.93 -14.70
CA SER A 102 0.34 -23.64 -13.82
CA SER A 102 0.34 -21.05 -13.57
C SER A 102 1.22 -24.18 -12.69
C SER A 102 0.93 -21.66 -12.30
N SER A 103 2.29 -23.45 -12.39
N SER A 103 2.16 -22.18 -12.40
CA SER A 103 3.25 -23.83 -11.34
CA SER A 103 2.85 -23.05 -11.40
C SER A 103 3.87 -22.59 -10.66
C SER A 103 3.66 -22.22 -10.40
N ARG A 104 4.47 -22.87 -9.52
CA ARG A 104 5.34 -22.02 -8.70
C ARG A 104 6.76 -21.96 -9.24
N ARG A 105 7.09 -22.65 -10.34
CA ARG A 105 8.48 -22.78 -10.80
C ARG A 105 8.85 -21.62 -11.71
N ASN A 106 9.98 -20.96 -11.41
CA ASN A 106 10.45 -19.79 -12.20
C ASN A 106 10.81 -20.21 -13.63
N VAL A 107 11.07 -21.50 -13.87
CA VAL A 107 11.44 -21.93 -15.25
C VAL A 107 10.21 -22.07 -16.15
N ASP A 108 9.00 -22.11 -15.59
CA ASP A 108 7.74 -22.28 -16.36
C ASP A 108 7.22 -20.93 -16.87
N TYR A 109 7.87 -19.82 -16.51
CA TYR A 109 7.45 -18.48 -16.95
C TYR A 109 8.49 -17.89 -17.89
N ASP A 110 8.03 -17.52 -19.08
CA ASP A 110 8.94 -17.10 -20.17
C ASP A 110 9.03 -15.59 -20.30
N TYR A 111 8.15 -14.82 -19.67
CA TYR A 111 8.15 -13.34 -19.80
C TYR A 111 8.30 -12.73 -18.43
N TRP A 112 9.28 -11.84 -18.30
CA TRP A 112 9.72 -11.27 -17.00
C TRP A 112 9.81 -9.75 -17.09
N GLY A 113 9.48 -9.05 -16.01
CA GLY A 113 9.83 -7.64 -15.85
C GLY A 113 11.24 -7.48 -15.33
N GLN A 114 11.67 -6.25 -15.14
CA GLN A 114 13.05 -5.93 -14.73
C GLN A 114 13.16 -5.86 -13.21
N GLY A 115 12.03 -5.87 -12.50
CA GLY A 115 12.00 -5.88 -11.03
C GLY A 115 11.75 -4.50 -10.44
N THR A 116 11.17 -4.50 -9.26
CA THR A 116 10.97 -3.27 -8.45
C THR A 116 11.44 -3.58 -7.02
N GLN A 117 12.20 -2.66 -6.42
CA GLN A 117 12.78 -2.89 -5.07
C GLN A 117 11.71 -2.61 -4.03
N VAL A 118 11.60 -3.50 -3.06
CA VAL A 118 10.77 -3.29 -1.86
C VAL A 118 11.70 -3.42 -0.66
N THR A 119 11.69 -2.41 0.22
CA THR A 119 12.56 -2.39 1.41
C THR A 119 11.66 -2.12 2.61
N VAL A 120 11.67 -3.00 3.58
CA VAL A 120 10.84 -2.88 4.80
C VAL A 120 11.77 -2.64 5.96
N SER A 121 11.37 -1.75 6.88
CA SER A 121 12.23 -1.39 8.02
C SER A 121 12.22 -2.55 9.02
N SER A 122 13.02 -2.40 10.05
CA SER A 122 13.25 -3.44 11.06
C SER A 122 11.95 -3.81 11.77
N HIS A 123 11.91 -5.00 12.37
CA HIS A 123 10.73 -5.43 13.12
C HIS A 123 10.46 -4.39 14.21
N GLY A 124 11.53 -3.99 14.91
CA GLY A 124 11.41 -3.11 16.10
C GLY A 124 10.80 -1.78 15.74
N SER A 125 10.97 -1.34 14.51
CA SER A 125 10.38 -0.05 14.05
C SER A 125 8.87 -0.19 13.88
N GLY A 126 8.33 -1.41 13.79
CA GLY A 126 6.88 -1.60 13.65
C GLY A 126 6.17 -1.42 14.98
N LEU A 127 4.93 -0.96 14.97
CA LEU A 127 4.15 -0.89 16.23
C LEU A 127 3.44 -2.23 16.45
N VAL A 128 2.86 -2.40 17.62
CA VAL A 128 1.99 -3.58 17.93
C VAL A 128 0.58 -3.22 17.47
N PRO A 129 0.04 -3.81 16.39
CA PRO A 129 -1.31 -3.49 15.95
C PRO A 129 -2.31 -4.00 17.00
N ARG A 130 -3.49 -3.37 17.05
CA ARG A 130 -4.59 -3.83 17.92
C ARG A 130 -5.38 -4.96 17.25
N GLN B 1 -9.33 12.70 26.72
CA GLN B 1 -8.10 12.96 25.98
C GLN B 1 -7.66 11.67 25.32
N VAL B 2 -7.07 11.76 24.14
CA VAL B 2 -6.46 10.58 23.49
C VAL B 2 -5.01 10.90 23.12
N GLN B 3 -4.19 9.89 23.07
CA GLN B 3 -2.82 9.95 22.51
C GLN B 3 -2.87 9.19 21.19
N LEU B 4 -2.26 9.74 20.18
CA LEU B 4 -2.31 9.18 18.81
C LEU B 4 -0.89 8.83 18.37
N GLN B 5 -0.73 7.76 17.61
CA GLN B 5 0.57 7.34 17.06
C GLN B 5 0.35 6.83 15.63
N GLU B 6 0.90 7.55 14.67
CA GLU B 6 0.83 7.18 13.25
C GLU B 6 1.89 6.14 12.91
N SER B 7 1.59 5.36 11.89
CA SER B 7 2.58 4.44 11.31
C SER B 7 2.23 4.21 9.84
N GLY B 8 3.16 3.68 9.08
CA GLY B 8 2.90 3.19 7.70
C GLY B 8 3.51 4.05 6.62
N GLY B 9 4.23 5.09 7.01
CA GLY B 9 4.84 5.97 6.01
C GLY B 9 5.93 5.28 5.24
N GLY B 10 6.32 5.88 4.14
CA GLY B 10 7.40 5.31 3.34
C GLY B 10 7.69 6.21 2.15
N SER B 11 8.60 5.72 1.34
CA SER B 11 9.04 6.46 0.14
C SER B 11 8.79 5.53 -1.03
N VAL B 12 7.86 5.90 -1.90
CA VAL B 12 7.24 5.00 -2.91
CA VAL B 12 7.38 4.95 -2.95
C VAL B 12 7.37 5.63 -4.31
N GLN B 13 7.36 4.79 -5.33
CA GLN B 13 7.19 5.24 -6.72
C GLN B 13 5.82 5.88 -6.94
N ALA B 14 5.77 6.94 -7.74
CA ALA B 14 4.48 7.50 -8.21
C ALA B 14 3.61 6.39 -8.79
N GLY B 15 2.33 6.45 -8.47
CA GLY B 15 1.29 5.48 -8.83
C GLY B 15 1.13 4.35 -7.83
N GLY B 16 2.06 4.24 -6.89
CA GLY B 16 2.04 3.25 -5.81
C GLY B 16 1.04 3.59 -4.74
N SER B 17 1.02 2.77 -3.71
CA SER B 17 0.07 2.85 -2.58
C SER B 17 0.81 2.77 -1.27
N LEU B 18 0.17 3.32 -0.27
CA LEU B 18 0.58 3.12 1.13
C LEU B 18 -0.72 3.03 1.95
N LYS B 19 -0.62 2.51 3.14
CA LYS B 19 -1.74 2.61 4.10
C LYS B 19 -1.17 3.15 5.42
N LEU B 20 -1.66 4.30 5.86
CA LEU B 20 -1.29 4.86 7.14
C LEU B 20 -2.29 4.35 8.19
N SER B 21 -1.78 4.10 9.37
CA SER B 21 -2.57 3.73 10.54
C SER B 21 -2.36 4.78 11.61
N CYS B 22 -3.38 4.99 12.44
CA CYS B 22 -3.27 5.86 13.63
CA CYS B 22 -3.37 5.92 13.59
C CYS B 22 -3.90 5.15 14.81
N ALA B 23 -3.05 4.81 15.76
CA ALA B 23 -3.43 4.05 16.96
C ALA B 23 -3.74 5.05 18.08
N ALA B 24 -4.96 5.01 18.59
CA ALA B 24 -5.38 5.91 19.69
C ALA B 24 -5.33 5.16 21.02
N SER B 25 -4.92 5.88 22.05
CA SER B 25 -4.95 5.41 23.45
C SER B 25 -5.73 6.43 24.26
N GLY B 26 -6.74 5.98 24.98
CA GLY B 26 -7.51 6.88 25.85
C GLY B 26 -8.95 6.48 25.86
N ARG B 27 -9.78 7.18 26.64
CA ARG B 27 -11.20 6.79 26.84
C ARG B 27 -12.04 7.23 25.64
N SER B 28 -13.04 6.41 25.27
CA SER B 28 -14.19 6.84 24.45
C SER B 28 -13.74 7.19 23.03
N PHE B 29 -12.82 6.41 22.46
CA PHE B 29 -12.30 6.66 21.08
C PHE B 29 -13.47 6.77 20.10
N SER B 30 -14.54 5.96 20.28
CA SER B 30 -15.66 5.89 19.31
C SER B 30 -16.36 7.26 19.23
N THR B 31 -16.19 8.10 20.24
CA THR B 31 -16.89 9.42 20.28
C THR B 31 -16.06 10.50 19.57
N TYR B 32 -14.81 10.21 19.18
CA TYR B 32 -13.94 11.18 18.49
C TYR B 32 -14.13 11.11 16.99
N ALA B 33 -14.11 12.27 16.35
CA ALA B 33 -13.85 12.34 14.90
C ALA B 33 -12.35 12.18 14.72
N MET B 34 -11.93 11.63 13.59
CA MET B 34 -10.48 11.51 13.30
CA MET B 34 -10.48 11.50 13.28
C MET B 34 -10.20 12.21 11.98
N GLY B 35 -9.15 12.98 11.94
CA GLY B 35 -8.73 13.70 10.74
C GLY B 35 -7.33 13.30 10.34
N TRP B 36 -7.03 13.39 9.05
CA TRP B 36 -5.64 13.35 8.55
C TRP B 36 -5.33 14.69 7.93
N PHE B 37 -4.18 15.19 8.28
CA PHE B 37 -3.64 16.44 7.73
C PHE B 37 -2.23 16.17 7.21
N ARG B 38 -1.71 17.03 6.35
CA ARG B 38 -0.37 16.85 5.83
C ARG B 38 0.34 18.19 5.71
N GLN B 39 1.63 18.15 5.93
CA GLN B 39 2.47 19.37 5.89
C GLN B 39 3.75 19.08 5.10
N ALA B 40 3.92 19.74 3.96
CA ALA B 40 5.20 19.75 3.20
C ALA B 40 6.08 20.86 3.76
N PRO B 41 7.43 20.74 3.74
CA PRO B 41 8.27 21.75 4.39
C PRO B 41 8.02 23.08 3.68
N GLY B 42 8.01 24.16 4.47
CA GLY B 42 7.74 25.54 4.03
C GLY B 42 6.33 25.69 3.50
N GLN B 43 5.40 24.83 3.92
CA GLN B 43 3.97 24.93 3.54
C GLN B 43 3.10 24.78 4.79
N ASP B 44 1.87 25.28 4.72
CA ASP B 44 0.90 25.20 5.83
C ASP B 44 0.42 23.74 5.96
N ARG B 45 -0.07 23.37 7.13
CA ARG B 45 -0.62 22.03 7.43
C ARG B 45 -2.05 21.86 6.91
N GLU B 46 -2.24 21.02 5.90
CA GLU B 46 -3.50 21.07 5.13
C GLU B 46 -4.39 19.86 5.37
N PHE B 47 -5.68 20.08 5.31
CA PHE B 47 -6.71 19.02 5.40
C PHE B 47 -6.51 17.99 4.30
N VAL B 48 -6.60 16.71 4.67
CA VAL B 48 -6.66 15.58 3.70
C VAL B 48 -8.02 14.88 3.77
N ALA B 49 -8.41 14.35 4.95
CA ALA B 49 -9.67 13.60 5.08
C ALA B 49 -10.10 13.58 6.54
N THR B 50 -11.39 13.43 6.78
CA THR B 50 -11.91 13.23 8.14
C THR B 50 -12.99 12.17 8.13
N ILE B 51 -13.13 11.55 9.28
CA ILE B 51 -14.22 10.60 9.50
C ILE B 51 -14.87 10.90 10.84
N SER B 52 -16.20 11.01 10.81
CA SER B 52 -16.99 11.36 12.00
C SER B 52 -17.18 10.14 12.91
N TRP B 53 -17.74 10.37 14.08
CA TRP B 53 -18.11 9.28 15.00
C TRP B 53 -19.16 8.34 14.39
N THR B 54 -19.86 8.72 13.32
CA THR B 54 -20.83 7.85 12.63
C THR B 54 -20.29 7.38 11.28
N ASP B 55 -18.97 7.48 11.07
CA ASP B 55 -18.30 7.02 9.82
C ASP B 55 -18.63 7.88 8.61
N SER B 56 -19.17 9.08 8.80
CA SER B 56 -19.39 10.04 7.72
C SER B 56 -18.00 10.56 7.31
N THR B 57 -17.67 10.52 6.03
CA THR B 57 -16.33 10.94 5.56
C THR B 57 -16.35 12.25 4.78
N ASP B 58 -15.18 12.90 4.75
CA ASP B 58 -14.91 14.16 4.02
C ASP B 58 -13.49 14.09 3.46
N TYR B 59 -13.29 14.51 2.20
CA TYR B 59 -11.98 14.45 1.55
C TYR B 59 -11.65 15.76 0.87
N ALA B 60 -10.38 16.16 0.88
CA ALA B 60 -9.89 17.28 0.07
C ALA B 60 -10.09 16.95 -1.40
N ASP B 61 -10.38 17.94 -2.22
CA ASP B 61 -10.57 17.66 -3.67
C ASP B 61 -9.31 16.98 -4.24
N SER B 62 -8.14 17.35 -3.75
CA SER B 62 -6.81 16.87 -4.23
C SER B 62 -6.69 15.35 -4.04
N VAL B 63 -7.45 14.72 -3.17
CA VAL B 63 -7.25 13.25 -2.93
C VAL B 63 -8.53 12.45 -3.20
N LYS B 64 -9.63 13.11 -3.57
CA LYS B 64 -10.90 12.38 -3.87
C LYS B 64 -10.66 11.32 -4.93
N GLY B 65 -11.14 10.11 -4.68
CA GLY B 65 -11.11 9.00 -5.63
C GLY B 65 -9.80 8.23 -5.52
N ARG B 66 -8.84 8.73 -4.74
CA ARG B 66 -7.52 8.09 -4.56
C ARG B 66 -7.33 7.61 -3.12
N PHE B 67 -7.71 8.45 -2.14
CA PHE B 67 -7.54 8.11 -0.71
C PHE B 67 -8.87 7.67 -0.09
N THR B 68 -8.79 6.75 0.86
CA THR B 68 -9.94 6.26 1.63
C THR B 68 -9.61 6.35 3.10
N ILE B 69 -10.46 7.03 3.89
CA ILE B 69 -10.32 7.09 5.35
C ILE B 69 -11.28 6.07 5.94
N SER B 70 -10.86 5.40 7.00
CA SER B 70 -11.74 4.43 7.72
C SER B 70 -11.31 4.38 9.16
N ARG B 71 -12.08 3.65 9.95
CA ARG B 71 -11.73 3.46 11.36
C ARG B 71 -12.21 2.09 11.80
N ASP B 72 -11.57 1.58 12.82
CA ASP B 72 -11.95 0.30 13.49
C ASP B 72 -12.02 0.58 14.98
N ASN B 73 -13.22 0.83 15.50
CA ASN B 73 -13.37 1.26 16.92
C ASN B 73 -12.95 0.11 17.85
N ALA B 74 -13.10 -1.15 17.43
CA ALA B 74 -12.67 -2.30 18.26
C ALA B 74 -11.14 -2.28 18.45
N LYS B 75 -10.41 -1.70 17.50
CA LYS B 75 -8.92 -1.60 17.53
C LYS B 75 -8.47 -0.19 17.95
N ASN B 76 -9.40 0.72 18.16
CA ASN B 76 -9.07 2.13 18.52
CA ASN B 76 -9.09 2.14 18.50
C ASN B 76 -8.07 2.67 17.49
N THR B 77 -8.31 2.34 16.22
CA THR B 77 -7.38 2.67 15.12
C THR B 77 -8.14 3.29 13.97
N GLY B 78 -7.50 4.29 13.38
CA GLY B 78 -7.94 4.90 12.13
C GLY B 78 -6.98 4.61 11.01
N TYR B 79 -7.45 4.73 9.77
CA TYR B 79 -6.63 4.34 8.61
C TYR B 79 -6.80 5.36 7.50
N LEU B 80 -5.73 5.52 6.74
CA LEU B 80 -5.78 6.28 5.48
C LEU B 80 -5.16 5.41 4.39
N GLN B 81 -6.00 4.83 3.55
CA GLN B 81 -5.52 4.05 2.36
C GLN B 81 -5.20 5.06 1.26
N MET B 82 -3.96 5.08 0.77
CA MET B 82 -3.54 6.06 -0.24
C MET B 82 -3.20 5.29 -1.53
N ASN B 83 -4.03 5.39 -2.55
CA ASN B 83 -3.76 4.76 -3.86
C ASN B 83 -3.34 5.83 -4.86
N SER B 84 -2.76 5.39 -5.98
CA SER B 84 -2.37 6.25 -7.11
C SER B 84 -1.58 7.45 -6.58
N LEU B 85 -0.56 7.18 -5.77
CA LEU B 85 0.18 8.27 -5.11
C LEU B 85 0.87 9.16 -6.14
N LYS B 86 1.02 10.43 -5.81
CA LYS B 86 1.63 11.43 -6.69
C LYS B 86 2.73 12.17 -5.95
N PRO B 87 3.67 12.79 -6.68
CA PRO B 87 4.71 13.59 -6.04
C PRO B 87 4.12 14.77 -5.24
N GLU B 88 2.96 15.26 -5.65
CA GLU B 88 2.22 16.34 -4.92
C GLU B 88 1.78 15.87 -3.53
N ASP B 89 1.74 14.57 -3.28
CA ASP B 89 1.34 13.99 -1.97
C ASP B 89 2.51 13.93 -0.99
N THR B 90 3.73 14.18 -1.39
CA THR B 90 4.88 14.12 -0.47
C THR B 90 4.66 15.10 0.68
N ALA B 91 4.80 14.62 1.92
CA ALA B 91 4.52 15.45 3.11
C ALA B 91 4.66 14.60 4.35
N VAL B 92 4.76 15.26 5.48
CA VAL B 92 4.51 14.56 6.76
C VAL B 92 3.00 14.50 6.98
N TYR B 93 2.47 13.31 7.24
CA TYR B 93 1.04 13.06 7.47
C TYR B 93 0.78 12.89 8.96
N TYR B 94 -0.19 13.65 9.45
CA TYR B 94 -0.55 13.68 10.88
C TYR B 94 -2.00 13.21 11.03
N CYS B 95 -2.21 12.37 12.00
CA CYS B 95 -3.60 12.10 12.43
CA CYS B 95 -3.54 12.02 12.51
C CYS B 95 -3.95 13.00 13.61
N ALA B 96 -5.21 13.33 13.67
CA ALA B 96 -5.72 14.28 14.66
C ALA B 96 -7.07 13.78 15.10
N ALA B 97 -7.51 14.16 16.31
CA ALA B 97 -8.80 13.67 16.81
C ALA B 97 -9.46 14.79 17.60
N ASP B 98 -10.78 14.74 17.66
CA ASP B 98 -11.51 15.72 18.48
C ASP B 98 -12.91 15.17 18.73
N ARG B 99 -13.48 15.42 19.91
CA ARG B 99 -14.86 15.05 20.24
C ARG B 99 -15.85 16.17 19.96
N TRP B 100 -15.37 17.39 19.70
CA TRP B 100 -16.20 18.62 19.66
C TRP B 100 -16.26 19.17 18.25
N ALA B 101 -15.49 18.63 17.31
CA ALA B 101 -15.51 19.11 15.92
C ALA B 101 -15.14 17.98 14.98
N SER B 102 -15.44 18.18 13.71
CA SER B 102 -15.21 17.16 12.66
C SER B 102 -15.02 17.91 11.33
N SER B 103 -14.40 19.09 11.38
CA SER B 103 -14.27 20.03 10.26
C SER B 103 -12.96 19.81 9.49
N ARG B 104 -12.71 20.72 8.54
CA ARG B 104 -11.47 20.68 7.73
C ARG B 104 -10.47 21.71 8.30
N ARG B 105 -10.73 22.24 9.49
CA ARG B 105 -9.78 23.22 10.05
C ARG B 105 -8.84 22.57 11.05
N ASN B 106 -7.52 22.74 10.91
CA ASN B 106 -6.63 22.06 11.88
C ASN B 106 -6.85 22.61 13.30
N VAL B 107 -7.30 23.85 13.44
CA VAL B 107 -7.47 24.45 14.81
C VAL B 107 -8.61 23.76 15.58
N ASP B 108 -9.49 23.03 14.89
CA ASP B 108 -10.65 22.37 15.49
C ASP B 108 -10.29 20.99 16.06
N TYR B 109 -9.02 20.55 15.95
CA TYR B 109 -8.61 19.26 16.52
C TYR B 109 -7.59 19.51 17.63
N ASP B 110 -7.87 18.96 18.82
CA ASP B 110 -6.98 19.20 19.99
C ASP B 110 -5.98 18.06 20.25
N TYR B 111 -6.10 16.92 19.55
CA TYR B 111 -5.18 15.80 19.82
C TYR B 111 -4.50 15.46 18.51
N TRP B 112 -3.19 15.32 18.54
CA TRP B 112 -2.35 15.15 17.33
C TRP B 112 -1.34 14.04 17.56
N GLY B 113 -1.08 13.25 16.51
CA GLY B 113 0.14 12.43 16.48
C GLY B 113 1.39 13.22 16.15
N GLN B 114 2.47 12.47 16.08
CA GLN B 114 3.82 12.99 15.84
C GLN B 114 4.12 13.08 14.35
N GLY B 115 3.31 12.43 13.51
CA GLY B 115 3.48 12.47 12.03
C GLY B 115 4.29 11.32 11.48
N THR B 116 3.98 10.94 10.24
CA THR B 116 4.72 9.88 9.49
C THR B 116 5.06 10.46 8.13
N GLN B 117 6.30 10.29 7.70
CA GLN B 117 6.77 10.85 6.40
C GLN B 117 6.27 10.00 5.24
N VAL B 118 5.70 10.66 4.23
CA VAL B 118 5.32 10.05 2.94
C VAL B 118 6.11 10.77 1.87
N THR B 119 6.84 10.02 1.07
CA THR B 119 7.61 10.57 -0.05
C THR B 119 7.23 9.81 -1.31
N VAL B 120 6.91 10.55 -2.36
CA VAL B 120 6.52 9.95 -3.66
C VAL B 120 7.41 10.48 -4.75
N SER B 121 7.87 9.60 -5.63
CA SER B 121 8.78 9.99 -6.71
C SER B 121 8.05 10.88 -7.73
N SER B 122 8.81 11.47 -8.64
CA SER B 122 8.25 12.23 -9.79
CA SER B 122 8.26 12.21 -9.80
C SER B 122 7.41 11.31 -10.69
N HIS B 123 6.59 11.89 -11.56
CA HIS B 123 5.76 11.10 -12.49
C HIS B 123 6.69 10.38 -13.48
N GLY B 124 6.33 9.18 -13.88
CA GLY B 124 7.01 8.43 -14.96
C GLY B 124 8.42 7.99 -14.58
N SER B 125 8.84 8.21 -13.33
CA SER B 125 10.12 7.71 -12.76
C SER B 125 9.83 6.55 -11.81
C1 GOL C . 6.23 -5.85 13.60
O1 GOL C . 7.54 -5.55 13.08
C2 GOL C . 5.45 -6.69 12.61
O2 GOL C . 6.02 -7.99 12.38
C3 GOL C . 5.34 -6.00 11.27
O3 GOL C . 4.43 -6.69 10.42
ZN ZN D . 6.33 -20.37 -21.37
ZN ZN E . -11.28 20.24 20.40
#